data_7CUK
#
_entry.id   7CUK
#
_entity_poly.entity_id   1
_entity_poly.type   'polydeoxyribonucleotide'
_entity_poly.pdbx_seq_one_letter_code
;(DC)(DT)(DA)(DG)(DG)(DG)(DC)(DC)(DT)(DA)(DG)
;
_entity_poly.pdbx_strand_id   A,B
#